data_8OQ0
#
_entry.id   8OQ0
#
_cell.length_a   88.688
_cell.length_b   88.688
_cell.length_c   421.040
_cell.angle_alpha   90.00
_cell.angle_beta   90.00
_cell.angle_gamma   120.00
#
_symmetry.space_group_name_H-M   'H 3 2'
#
loop_
_entity.id
_entity.type
_entity.pdbx_description
1 polymer 'Tailspike protein'
2 non-polymer DI(HYDROXYETHYL)ETHER
3 water water
#
_entity_poly.entity_id   1
_entity_poly.type   'polypeptide(L)'
_entity_poly.pdbx_seq_one_letter_code
;GSEEAAQVARSADKVIDASGLTQQDINDRLAITYPTAVGLVGKPNLKDADVIYVQCYSNIFDGGDGYYRVSADTTTVADG
AYVIRINPNLIATMLNTTGSVDVARFGAVMNADVSPFIEKAFKYFRDVCLTKPYKLNTVVGIPDQNNYSKNVYYLRGLGD
PEITVDCPSAVFTSASAKLDPTSTVNKFTAKIDVSNISFIGTTVANSVVFNGDRLYNINVHHNNFKGNITIFKAYVKREV
GRQYTQSVSINHNHLTGVYRVIESDKSYNLDFSYNMCEACIGGIYVGVDAPWDPNNISLTIHRNLWEGSGMLLKTNGGII
GGTISANYFENNTFNDAGIEKCLISINRTGTGAGYASGLVISGNTFSGNGAIPDFVDVRYVNQSTESSSTSKTANVKPVV
FIGNWSNSYLMTNFAGALLINNRCSNRNTMFNAYSPQEGRVTFASGYLDKPLSSMLSGNLLNLITLDTRPCFTAGYINTN
FKTTFDVNVLFKTSGGINTASCSFKLDVFVYTPLGAGTPPKSNLKAVMSAFMQSDTNDIISTGVNETMKSVIGATPTMAV
VNNGDGTYGIRLSPFTNASSPNWGAITSARIEYTYQGTLIASHTSTYSTANLLTIT
;
_entity_poly.pdbx_strand_id   A
#
loop_
_chem_comp.id
_chem_comp.type
_chem_comp.name
_chem_comp.formula
PEG non-polymer DI(HYDROXYETHYL)ETHER 'C4 H10 O3'
#
# COMPACT_ATOMS: atom_id res chain seq x y z
N SER A 11 -55.00 -51.65 19.93
CA SER A 11 -53.66 -51.61 19.23
C SER A 11 -53.73 -50.94 17.85
N ALA A 12 -52.57 -50.45 17.37
CA ALA A 12 -52.43 -49.49 16.29
C ALA A 12 -52.40 -50.13 14.92
N ASP A 13 -51.78 -51.34 14.85
CA ASP A 13 -51.69 -52.05 13.58
C ASP A 13 -53.08 -52.43 13.03
N LYS A 14 -54.02 -52.68 13.97
CA LYS A 14 -55.45 -52.88 13.74
C LYS A 14 -56.05 -51.68 13.00
N VAL A 15 -55.58 -50.45 13.29
CA VAL A 15 -56.09 -49.23 12.67
C VAL A 15 -55.61 -49.14 11.21
N ILE A 16 -56.38 -48.41 10.38
CA ILE A 16 -56.25 -48.37 8.92
C ILE A 16 -56.47 -46.91 8.45
N ASP A 17 -55.34 -46.23 8.15
CA ASP A 17 -55.27 -44.95 7.44
C ASP A 17 -55.92 -45.07 6.05
N ALA A 18 -56.46 -43.96 5.53
CA ALA A 18 -57.26 -43.96 4.31
C ALA A 18 -56.42 -44.36 3.09
N SER A 19 -55.11 -44.53 3.31
CA SER A 19 -54.19 -45.11 2.34
C SER A 19 -54.61 -46.54 1.98
N GLY A 20 -55.26 -47.22 2.93
CA GLY A 20 -55.21 -48.67 3.01
C GLY A 20 -53.93 -49.11 3.73
N LEU A 21 -53.29 -48.19 4.46
CA LEU A 21 -52.10 -48.51 5.23
C LEU A 21 -52.44 -48.60 6.71
N THR A 22 -51.87 -49.64 7.33
CA THR A 22 -51.78 -49.86 8.77
C THR A 22 -51.22 -48.60 9.43
N GLN A 23 -52.05 -47.88 10.19
CA GLN A 23 -51.62 -46.80 11.09
C GLN A 23 -50.29 -47.03 11.81
N GLN A 24 -49.86 -48.29 11.98
CA GLN A 24 -48.52 -48.65 12.44
C GLN A 24 -47.49 -48.43 11.34
N ASP A 25 -47.80 -48.77 10.09
CA ASP A 25 -46.86 -48.65 8.97
C ASP A 25 -46.66 -47.19 8.54
N ILE A 26 -47.43 -46.26 9.15
CA ILE A 26 -47.36 -44.79 9.07
C ILE A 26 -46.41 -44.29 10.16
N ASN A 27 -46.83 -44.46 11.42
CA ASN A 27 -46.09 -44.30 12.67
C ASN A 27 -44.58 -44.51 12.48
N ASP A 28 -44.18 -45.40 11.54
CA ASP A 28 -42.81 -45.82 11.37
C ASP A 28 -42.00 -44.84 10.52
N ARG A 29 -42.68 -44.21 9.55
CA ARG A 29 -42.06 -43.21 8.70
C ARG A 29 -42.27 -41.79 9.25
N LEU A 30 -41.95 -41.55 10.52
CA LEU A 30 -42.39 -40.32 11.18
C LEU A 30 -41.33 -39.81 12.14
N ALA A 31 -41.24 -38.48 12.24
CA ALA A 31 -40.21 -37.84 13.05
C ALA A 31 -40.81 -37.27 14.35
N ILE A 32 -39.97 -37.26 15.39
CA ILE A 32 -40.13 -36.58 16.66
C ILE A 32 -39.86 -35.10 16.44
N THR A 33 -40.91 -34.27 16.59
CA THR A 33 -40.84 -32.82 16.44
C THR A 33 -41.48 -32.15 17.65
N TYR A 34 -40.75 -31.19 18.23
CA TYR A 34 -41.28 -30.33 19.28
C TYR A 34 -41.29 -28.87 18.84
N PRO A 35 -42.13 -27.99 19.45
CA PRO A 35 -42.14 -26.55 19.13
C PRO A 35 -40.86 -25.77 19.44
N THR A 36 -40.36 -25.92 20.66
CA THR A 36 -39.36 -25.08 21.28
C THR A 36 -38.29 -26.00 21.85
N ALA A 37 -37.03 -25.54 21.82
CA ALA A 37 -35.86 -26.14 22.48
C ALA A 37 -36.02 -26.19 24.00
N VAL A 38 -36.46 -25.08 24.58
CA VAL A 38 -36.58 -24.93 26.02
C VAL A 38 -37.67 -25.83 26.61
N GLY A 39 -38.68 -26.19 25.77
CA GLY A 39 -39.80 -27.11 26.04
C GLY A 39 -39.45 -28.60 26.19
N LEU A 40 -38.18 -28.97 26.04
CA LEU A 40 -37.74 -30.35 26.14
C LEU A 40 -37.66 -30.79 27.59
N VAL A 41 -37.44 -29.82 28.50
CA VAL A 41 -37.32 -30.13 29.92
C VAL A 41 -38.52 -30.96 30.39
N GLY A 42 -39.77 -30.48 30.22
CA GLY A 42 -40.99 -31.23 30.56
C GLY A 42 -40.95 -32.69 30.11
N LYS A 43 -41.17 -32.92 28.81
CA LYS A 43 -41.19 -34.14 28.02
C LYS A 43 -40.97 -35.45 28.75
N PRO A 44 -41.92 -36.41 28.53
CA PRO A 44 -41.65 -37.86 28.68
C PRO A 44 -41.45 -38.57 27.34
N ASN A 45 -41.25 -39.90 27.38
CA ASN A 45 -41.33 -40.82 26.25
C ASN A 45 -40.23 -40.53 25.21
N LEU A 46 -39.00 -40.52 25.70
CA LEU A 46 -37.79 -40.30 24.91
C LEU A 46 -36.71 -41.18 25.50
N LYS A 47 -35.84 -41.69 24.62
CA LYS A 47 -34.82 -42.68 24.91
C LYS A 47 -33.49 -42.19 24.30
N ASP A 48 -32.38 -42.69 24.84
CA ASP A 48 -31.05 -42.68 24.23
C ASP A 48 -31.19 -43.05 22.75
N ALA A 49 -30.47 -42.30 21.89
CA ALA A 49 -30.29 -42.46 20.44
C ALA A 49 -31.36 -41.69 19.64
N ASP A 50 -32.35 -41.13 20.36
CA ASP A 50 -33.47 -40.39 19.79
C ASP A 50 -33.00 -39.06 19.19
N VAL A 51 -33.42 -38.80 17.96
CA VAL A 51 -33.03 -37.57 17.28
C VAL A 51 -34.30 -36.77 17.08
N ILE A 52 -34.28 -35.50 17.52
CA ILE A 52 -35.51 -34.72 17.58
C ILE A 52 -35.36 -33.38 16.83
N TYR A 53 -36.48 -32.87 16.29
CA TYR A 53 -36.42 -31.66 15.50
C TYR A 53 -37.26 -30.53 16.10
N VAL A 54 -36.55 -29.54 16.61
CA VAL A 54 -37.13 -28.44 17.35
C VAL A 54 -37.30 -27.30 16.35
N GLN A 55 -38.54 -26.81 16.21
CA GLN A 55 -38.98 -25.80 15.25
C GLN A 55 -38.58 -24.33 15.56
N CYS A 56 -37.84 -24.07 16.65
CA CYS A 56 -37.36 -22.75 17.07
C CYS A 56 -36.87 -22.93 18.50
N TYR A 57 -36.09 -21.97 18.99
CA TYR A 57 -35.55 -22.08 20.33
C TYR A 57 -36.58 -21.68 21.38
N SER A 58 -37.07 -20.43 21.29
CA SER A 58 -37.85 -19.81 22.34
C SER A 58 -39.20 -19.45 21.74
N ASN A 59 -39.29 -18.24 21.20
CA ASN A 59 -40.36 -17.73 20.36
C ASN A 59 -40.06 -18.05 18.89
N ILE A 60 -41.13 -18.26 18.09
CA ILE A 60 -40.96 -18.66 16.70
C ILE A 60 -40.44 -17.50 15.82
N PHE A 61 -40.89 -16.26 16.08
CA PHE A 61 -40.47 -15.13 15.24
C PHE A 61 -38.96 -14.87 15.27
N ASP A 62 -38.25 -15.54 16.18
CA ASP A 62 -36.83 -15.41 16.48
C ASP A 62 -35.99 -16.52 15.87
N GLY A 63 -36.65 -17.58 15.34
CA GLY A 63 -36.08 -18.87 14.91
C GLY A 63 -35.18 -19.56 15.96
N GLY A 64 -34.28 -20.42 15.47
CA GLY A 64 -33.44 -21.21 16.36
C GLY A 64 -33.56 -22.73 16.14
N ASP A 65 -34.11 -23.09 14.99
CA ASP A 65 -34.49 -24.47 14.70
C ASP A 65 -33.29 -25.32 14.27
N GLY A 66 -33.37 -26.59 14.64
CA GLY A 66 -32.29 -27.54 14.48
C GLY A 66 -32.61 -28.81 15.25
N TYR A 67 -31.72 -29.79 15.07
CA TYR A 67 -31.70 -31.12 15.60
C TYR A 67 -31.04 -31.16 16.96
N TYR A 68 -31.67 -31.94 17.84
CA TYR A 68 -30.96 -32.49 18.99
C TYR A 68 -30.86 -34.00 18.85
N ARG A 69 -29.97 -34.54 19.69
CA ARG A 69 -29.83 -35.96 19.99
C ARG A 69 -29.96 -36.12 21.49
N VAL A 70 -30.83 -37.08 21.87
CA VAL A 70 -31.09 -37.49 23.24
C VAL A 70 -30.12 -38.63 23.53
N SER A 71 -29.34 -38.46 24.61
CA SER A 71 -28.61 -39.57 25.22
C SER A 71 -28.98 -39.80 26.69
N ALA A 72 -28.68 -41.03 27.16
CA ALA A 72 -28.79 -41.38 28.57
C ALA A 72 -27.70 -40.63 29.34
N ASP A 73 -28.04 -39.59 30.13
CA ASP A 73 -27.01 -38.87 30.89
C ASP A 73 -27.35 -38.40 32.29
N THR A 74 -26.60 -39.08 33.16
CA THR A 74 -26.51 -38.96 34.60
C THR A 74 -25.53 -37.85 35.01
N THR A 75 -24.29 -37.85 34.46
CA THR A 75 -23.15 -37.07 34.99
C THR A 75 -23.13 -35.58 34.60
N THR A 76 -23.07 -35.24 33.29
CA THR A 76 -22.61 -33.93 32.83
C THR A 76 -23.66 -32.83 33.00
N VAL A 77 -23.21 -31.64 33.46
CA VAL A 77 -24.04 -30.47 33.76
C VAL A 77 -24.43 -29.85 32.42
N ALA A 78 -25.41 -28.94 32.46
CA ALA A 78 -26.12 -28.53 31.25
C ALA A 78 -26.25 -27.02 31.27
N ASP A 79 -25.60 -26.38 30.30
CA ASP A 79 -25.51 -24.94 30.04
C ASP A 79 -26.88 -24.32 29.71
N GLY A 80 -27.76 -25.08 29.06
CA GLY A 80 -29.09 -24.61 28.82
C GLY A 80 -29.39 -24.32 27.36
N ALA A 81 -28.56 -24.80 26.42
CA ALA A 81 -28.85 -24.61 25.01
C ALA A 81 -28.18 -25.69 24.20
N TYR A 82 -26.94 -25.97 24.56
CA TYR A 82 -26.16 -26.94 23.81
C TYR A 82 -26.43 -28.32 24.39
N VAL A 83 -26.44 -28.38 25.73
CA VAL A 83 -26.97 -29.49 26.51
C VAL A 83 -28.10 -28.94 27.38
N ILE A 84 -29.26 -29.59 27.20
CA ILE A 84 -30.51 -29.37 27.94
C ILE A 84 -30.80 -30.67 28.71
N ARG A 85 -31.03 -30.54 30.02
CA ARG A 85 -31.53 -31.63 30.85
C ARG A 85 -33.02 -31.80 30.55
N ILE A 86 -33.37 -32.96 29.98
CA ILE A 86 -34.76 -33.38 29.93
C ILE A 86 -35.22 -33.80 31.33
N ASN A 87 -34.43 -34.61 32.05
CA ASN A 87 -34.76 -35.05 33.40
C ASN A 87 -33.48 -35.56 34.06
N PRO A 88 -33.47 -36.04 35.34
CA PRO A 88 -32.25 -36.49 36.03
C PRO A 88 -31.28 -37.43 35.29
N ASN A 89 -31.78 -38.21 34.35
CA ASN A 89 -30.90 -39.19 33.72
C ASN A 89 -30.97 -39.13 32.18
N LEU A 90 -31.56 -38.05 31.63
CA LEU A 90 -31.68 -37.84 30.19
C LEU A 90 -31.38 -36.39 29.84
N ILE A 91 -30.54 -36.20 28.80
CA ILE A 91 -30.18 -34.91 28.22
C ILE A 91 -30.26 -34.93 26.69
N ALA A 92 -30.42 -33.72 26.11
CA ALA A 92 -30.30 -33.39 24.69
C ALA A 92 -29.10 -32.45 24.45
N THR A 93 -28.18 -32.91 23.56
CA THR A 93 -27.08 -32.13 22.99
C THR A 93 -27.51 -31.64 21.60
N MET A 94 -27.11 -30.41 21.28
CA MET A 94 -27.34 -29.75 20.01
C MET A 94 -26.52 -30.38 18.89
N LEU A 95 -27.19 -30.68 17.75
CA LEU A 95 -26.55 -31.13 16.53
C LEU A 95 -26.60 -29.99 15.52
N ASN A 96 -25.42 -29.68 14.97
CA ASN A 96 -25.23 -28.65 13.96
C ASN A 96 -25.25 -29.31 12.58
N THR A 97 -26.07 -28.73 11.69
CA THR A 97 -26.30 -29.30 10.36
C THR A 97 -25.76 -28.39 9.26
N THR A 98 -26.34 -27.18 9.16
CA THR A 98 -25.98 -26.06 8.28
C THR A 98 -24.49 -25.63 8.33
N GLY A 99 -23.66 -26.35 9.12
CA GLY A 99 -22.25 -26.12 9.41
C GLY A 99 -21.99 -24.87 10.25
N SER A 100 -22.45 -23.72 9.73
CA SER A 100 -22.50 -22.47 10.46
C SER A 100 -23.83 -22.38 11.22
N VAL A 101 -23.76 -21.80 12.42
CA VAL A 101 -24.83 -21.97 13.37
C VAL A 101 -25.45 -20.61 13.67
N ASP A 102 -26.78 -20.51 13.43
CA ASP A 102 -27.59 -19.41 13.94
C ASP A 102 -27.34 -19.15 15.42
N VAL A 103 -27.26 -17.87 15.76
CA VAL A 103 -27.01 -17.45 17.12
C VAL A 103 -28.33 -17.62 17.84
N ALA A 104 -29.42 -17.59 17.05
CA ALA A 104 -30.79 -17.81 17.48
C ALA A 104 -30.88 -19.11 18.32
N ARG A 105 -30.29 -20.21 17.80
CA ARG A 105 -30.13 -21.50 18.46
C ARG A 105 -29.49 -21.39 19.84
N PHE A 106 -29.15 -20.19 20.30
CA PHE A 106 -28.48 -20.10 21.61
C PHE A 106 -29.31 -19.22 22.52
N GLY A 107 -30.29 -18.53 21.91
CA GLY A 107 -31.35 -17.85 22.64
C GLY A 107 -31.44 -16.38 22.26
N ALA A 108 -30.77 -16.06 21.16
CA ALA A 108 -30.75 -14.71 20.65
C ALA A 108 -32.17 -14.37 20.21
N VAL A 109 -32.59 -13.15 20.59
CA VAL A 109 -33.93 -12.64 20.34
C VAL A 109 -33.87 -11.37 19.49
N MET A 110 -34.76 -11.32 18.47
CA MET A 110 -34.96 -10.19 17.55
C MET A 110 -34.97 -8.88 18.33
N ASN A 111 -34.14 -7.91 17.89
CA ASN A 111 -34.00 -6.55 18.44
C ASN A 111 -33.47 -6.51 19.87
N ALA A 112 -32.82 -7.56 20.30
CA ALA A 112 -32.26 -7.45 21.62
C ALA A 112 -30.74 -7.49 21.47
N ASP A 113 -30.03 -7.07 22.54
CA ASP A 113 -28.64 -7.44 22.86
C ASP A 113 -28.38 -8.91 22.52
N VAL A 114 -27.63 -9.11 21.41
CA VAL A 114 -27.22 -10.44 21.01
C VAL A 114 -25.88 -10.83 21.63
N SER A 115 -25.23 -9.89 22.33
CA SER A 115 -23.87 -10.03 22.87
C SER A 115 -23.61 -11.25 23.77
N PRO A 116 -24.44 -11.58 24.83
CA PRO A 116 -24.23 -12.81 25.60
C PRO A 116 -24.22 -14.07 24.71
N PHE A 117 -25.10 -14.06 23.70
CA PHE A 117 -25.45 -15.17 22.81
C PHE A 117 -24.33 -15.49 21.82
N ILE A 118 -23.68 -14.41 21.31
CA ILE A 118 -22.50 -14.55 20.45
C ILE A 118 -21.37 -15.14 21.28
N GLU A 119 -21.16 -14.58 22.51
CA GLU A 119 -20.20 -15.07 23.48
C GLU A 119 -20.44 -16.56 23.77
N LYS A 120 -21.69 -16.96 24.13
CA LYS A 120 -22.09 -18.35 24.32
C LYS A 120 -21.71 -19.18 23.08
N ALA A 121 -22.26 -18.84 21.90
CA ALA A 121 -22.11 -19.67 20.71
C ALA A 121 -20.65 -20.03 20.35
N PHE A 122 -19.71 -19.06 20.51
CA PHE A 122 -18.34 -19.17 20.03
C PHE A 122 -17.52 -20.15 20.89
N LYS A 123 -18.06 -20.35 22.10
CA LYS A 123 -17.50 -21.28 23.06
C LYS A 123 -17.72 -22.72 22.56
N TYR A 124 -18.78 -22.97 21.75
CA TYR A 124 -19.11 -24.31 21.20
C TYR A 124 -18.75 -24.44 19.71
N PHE A 125 -18.82 -23.32 18.96
CA PHE A 125 -18.60 -23.27 17.51
C PHE A 125 -17.79 -22.05 17.07
N ARG A 126 -17.22 -22.21 15.86
CA ARG A 126 -16.22 -21.28 15.33
C ARG A 126 -16.84 -20.41 14.24
N ASP A 127 -17.78 -20.99 13.48
CA ASP A 127 -18.62 -20.31 12.52
C ASP A 127 -19.99 -20.10 13.16
N VAL A 128 -20.43 -18.84 13.21
CA VAL A 128 -21.60 -18.37 13.92
C VAL A 128 -22.23 -17.27 13.06
N CYS A 129 -23.54 -17.29 12.91
CA CYS A 129 -24.17 -16.47 11.90
C CYS A 129 -25.45 -15.77 12.41
N LEU A 130 -25.57 -14.48 12.05
CA LEU A 130 -26.73 -13.63 12.34
C LEU A 130 -27.66 -13.46 11.12
N THR A 131 -28.96 -13.73 11.37
CA THR A 131 -30.00 -13.72 10.32
C THR A 131 -31.20 -12.82 10.66
N LYS A 132 -31.15 -12.18 11.85
CA LYS A 132 -32.22 -11.45 12.48
C LYS A 132 -31.69 -10.09 12.93
N PRO A 133 -32.46 -8.95 12.87
CA PRO A 133 -32.03 -7.69 13.50
C PRO A 133 -31.74 -7.84 14.99
N TYR A 134 -30.60 -7.29 15.44
CA TYR A 134 -30.22 -7.26 16.84
C TYR A 134 -29.61 -5.92 17.26
N LYS A 135 -29.32 -5.90 18.56
CA LYS A 135 -28.69 -4.80 19.27
C LYS A 135 -27.44 -5.41 19.90
N LEU A 136 -26.31 -4.68 19.92
CA LEU A 136 -25.15 -5.07 20.73
C LEU A 136 -24.88 -4.04 21.83
N ASN A 137 -25.18 -4.43 23.08
CA ASN A 137 -25.24 -3.52 24.23
C ASN A 137 -24.15 -3.88 25.23
N THR A 138 -23.69 -5.14 25.20
CA THR A 138 -22.70 -5.62 26.14
C THR A 138 -21.47 -6.07 25.38
N VAL A 139 -20.39 -6.30 26.13
CA VAL A 139 -19.13 -6.72 25.56
C VAL A 139 -19.19 -8.23 25.27
N VAL A 140 -18.94 -8.58 24.00
CA VAL A 140 -18.57 -9.92 23.54
C VAL A 140 -17.07 -10.13 23.70
N GLY A 141 -16.69 -11.07 24.59
CA GLY A 141 -15.37 -11.67 24.65
C GLY A 141 -15.34 -12.80 23.63
N ILE A 142 -14.16 -13.18 23.13
CA ILE A 142 -14.01 -14.16 22.04
C ILE A 142 -12.95 -15.22 22.41
N PRO A 143 -13.23 -16.56 22.28
CA PRO A 143 -12.28 -17.58 22.74
C PRO A 143 -10.85 -17.17 22.36
N ASP A 144 -9.95 -17.26 23.33
CA ASP A 144 -8.54 -16.86 23.17
C ASP A 144 -7.81 -17.87 22.30
N GLN A 145 -7.20 -17.39 21.21
CA GLN A 145 -6.20 -18.14 20.46
C GLN A 145 -5.18 -17.16 19.91
N ASN A 146 -3.94 -17.65 19.76
CA ASN A 146 -2.79 -16.92 19.22
C ASN A 146 -2.87 -16.90 17.67
N ASN A 147 -2.09 -16.01 17.06
CA ASN A 147 -1.87 -15.90 15.62
C ASN A 147 -1.08 -17.07 15.00
N TYR A 148 -1.01 -18.25 15.66
CA TYR A 148 -0.39 -19.48 15.17
C TYR A 148 -1.37 -20.65 15.27
N SER A 149 -2.64 -20.29 15.38
CA SER A 149 -3.69 -21.21 15.75
C SER A 149 -4.12 -22.02 14.53
N LYS A 150 -4.57 -23.27 14.81
CA LYS A 150 -5.20 -24.19 13.88
C LYS A 150 -6.47 -23.59 13.28
N ASN A 151 -7.06 -22.54 13.89
CA ASN A 151 -8.44 -22.16 13.64
C ASN A 151 -8.66 -20.69 13.32
N VAL A 152 -9.84 -20.40 12.73
CA VAL A 152 -10.29 -19.07 12.34
C VAL A 152 -11.74 -18.95 12.85
N TYR A 153 -11.98 -18.05 13.81
CA TYR A 153 -13.36 -17.71 14.13
C TYR A 153 -13.98 -16.91 12.97
N TYR A 154 -15.15 -17.37 12.44
CA TYR A 154 -15.97 -16.60 11.49
C TYR A 154 -17.20 -16.07 12.23
N LEU A 155 -17.65 -14.87 11.83
CA LEU A 155 -19.00 -14.39 12.14
C LEU A 155 -19.65 -13.86 10.85
N ARG A 156 -20.75 -14.52 10.42
CA ARG A 156 -21.32 -14.35 9.09
C ARG A 156 -22.63 -13.56 9.15
N GLY A 157 -23.01 -12.98 8.00
CA GLY A 157 -24.26 -12.27 7.77
C GLY A 157 -25.04 -13.02 6.70
N LEU A 158 -26.25 -13.42 7.08
CA LEU A 158 -27.17 -13.92 6.07
C LEU A 158 -28.43 -13.10 6.29
N GLY A 159 -28.96 -12.50 5.24
CA GLY A 159 -30.21 -11.75 5.35
C GLY A 159 -29.95 -10.26 5.52
N ASP A 160 -28.68 -9.87 5.39
CA ASP A 160 -28.18 -8.54 5.72
C ASP A 160 -28.66 -8.14 7.12
N PRO A 161 -28.35 -8.89 8.21
CA PRO A 161 -28.85 -8.49 9.54
C PRO A 161 -28.44 -7.07 9.95
N GLU A 162 -29.41 -6.25 10.37
CA GLU A 162 -29.25 -4.88 10.85
C GLU A 162 -28.93 -4.86 12.35
N ILE A 163 -27.63 -4.79 12.67
CA ILE A 163 -27.10 -4.74 14.03
C ILE A 163 -26.91 -3.31 14.56
N THR A 164 -27.64 -2.95 15.61
CA THR A 164 -27.44 -1.64 16.21
C THR A 164 -26.34 -1.77 17.25
N VAL A 165 -25.36 -0.85 17.21
CA VAL A 165 -24.25 -0.79 18.16
C VAL A 165 -24.52 0.31 19.21
N ASP A 166 -24.43 -0.10 20.48
CA ASP A 166 -24.79 0.70 21.63
C ASP A 166 -24.21 0.03 22.87
N CYS A 167 -22.95 0.35 23.14
CA CYS A 167 -22.17 -0.31 24.17
C CYS A 167 -21.13 0.69 24.67
N PRO A 168 -20.96 0.86 25.99
CA PRO A 168 -19.97 1.81 26.53
C PRO A 168 -18.52 1.42 26.28
N SER A 169 -18.25 0.13 26.01
CA SER A 169 -16.95 -0.31 25.53
C SER A 169 -17.02 -0.68 24.05
N ALA A 170 -15.83 -0.86 23.44
CA ALA A 170 -15.71 -1.66 22.22
C ALA A 170 -16.34 -3.03 22.44
N VAL A 171 -17.29 -3.34 21.57
CA VAL A 171 -18.13 -4.53 21.68
C VAL A 171 -17.30 -5.80 21.78
N PHE A 172 -16.34 -5.97 20.88
CA PHE A 172 -15.64 -7.22 20.67
C PHE A 172 -14.20 -7.21 21.17
N THR A 173 -13.88 -8.24 21.96
CA THR A 173 -12.62 -8.27 22.69
C THR A 173 -12.26 -9.76 22.85
N SER A 174 -11.13 -10.00 23.54
CA SER A 174 -10.72 -11.36 23.88
C SER A 174 -11.39 -11.69 25.19
N ALA A 175 -11.92 -12.94 25.25
CA ALA A 175 -12.35 -13.67 26.42
C ALA A 175 -11.54 -13.22 27.66
N SER A 176 -10.20 -13.29 27.59
CA SER A 176 -9.29 -12.85 28.64
C SER A 176 -9.47 -11.39 29.00
N ALA A 177 -9.42 -10.51 27.99
CA ALA A 177 -9.31 -9.08 28.22
C ALA A 177 -10.64 -8.49 28.67
N LYS A 178 -11.74 -9.18 28.32
CA LYS A 178 -13.09 -8.93 28.82
C LYS A 178 -13.10 -9.07 30.35
N LEU A 179 -12.25 -9.96 30.91
CA LEU A 179 -12.10 -10.24 32.33
C LEU A 179 -11.26 -9.16 33.02
N ASP A 180 -10.07 -8.83 32.48
CA ASP A 180 -9.30 -7.70 32.94
C ASP A 180 -9.14 -6.71 31.78
N PRO A 181 -10.08 -5.77 31.54
CA PRO A 181 -10.04 -4.92 30.34
C PRO A 181 -8.89 -3.91 30.19
N THR A 182 -7.88 -4.00 31.06
CA THR A 182 -6.97 -2.92 31.42
C THR A 182 -5.57 -3.49 31.60
N SER A 183 -5.47 -4.84 31.67
CA SER A 183 -4.14 -5.42 31.79
C SER A 183 -3.34 -4.82 30.65
N THR A 184 -2.16 -4.30 31.00
CA THR A 184 -1.18 -3.92 29.98
C THR A 184 -0.43 -5.18 29.51
N VAL A 185 -0.80 -6.33 30.10
CA VAL A 185 -0.39 -7.61 29.57
C VAL A 185 -1.14 -7.86 28.26
N ASN A 186 -0.46 -8.57 27.35
CA ASN A 186 -0.93 -8.69 25.98
C ASN A 186 -2.01 -9.77 25.85
N LYS A 187 -3.20 -9.38 26.35
CA LYS A 187 -4.37 -10.24 26.46
C LYS A 187 -5.15 -10.26 25.14
N PHE A 188 -4.58 -10.96 24.13
CA PHE A 188 -5.04 -10.83 22.77
C PHE A 188 -5.64 -12.11 22.22
N THR A 189 -6.55 -11.93 21.27
CA THR A 189 -7.04 -12.97 20.36
C THR A 189 -6.82 -12.58 18.89
N ALA A 190 -6.48 -13.58 18.07
CA ALA A 190 -6.20 -13.48 16.64
C ALA A 190 -7.10 -14.38 15.79
N LYS A 191 -7.16 -14.10 14.47
CA LYS A 191 -7.70 -14.92 13.40
C LYS A 191 -9.22 -14.85 13.49
N ILE A 192 -9.80 -13.83 12.88
CA ILE A 192 -11.23 -13.59 12.92
C ILE A 192 -11.66 -13.05 11.55
N ASP A 193 -12.85 -13.51 11.13
CA ASP A 193 -13.39 -13.07 9.86
C ASP A 193 -14.82 -12.59 10.07
N VAL A 194 -15.13 -11.33 9.74
CA VAL A 194 -16.46 -10.79 9.95
C VAL A 194 -16.99 -10.29 8.61
N SER A 195 -18.22 -10.64 8.24
CA SER A 195 -18.68 -10.50 6.86
C SER A 195 -20.19 -10.33 6.79
N ASN A 196 -20.66 -9.57 5.79
CA ASN A 196 -22.06 -9.53 5.35
C ASN A 196 -23.07 -9.00 6.37
N ILE A 197 -22.69 -8.05 7.24
CA ILE A 197 -23.54 -7.52 8.30
C ILE A 197 -23.66 -6.02 8.10
N SER A 198 -24.85 -5.45 8.30
CA SER A 198 -24.92 -3.99 8.41
C SER A 198 -24.85 -3.58 9.86
N PHE A 199 -23.69 -3.07 10.33
CA PHE A 199 -23.56 -2.42 11.63
C PHE A 199 -24.05 -0.98 11.54
N ILE A 200 -24.85 -0.59 12.55
CA ILE A 200 -25.61 0.65 12.61
C ILE A 200 -25.37 1.29 13.98
N GLY A 201 -24.97 2.56 13.94
CA GLY A 201 -24.40 3.24 15.09
C GLY A 201 -25.49 4.02 15.81
N THR A 202 -25.20 4.42 17.05
CA THR A 202 -26.05 5.25 17.90
C THR A 202 -25.29 6.54 18.21
N THR A 203 -24.98 6.76 19.49
CA THR A 203 -24.13 7.86 19.94
C THR A 203 -22.69 7.47 19.60
N VAL A 204 -21.89 8.49 19.19
CA VAL A 204 -20.44 8.35 18.96
C VAL A 204 -19.74 7.51 20.06
N ALA A 205 -20.04 7.85 21.33
CA ALA A 205 -19.39 7.32 22.52
C ALA A 205 -19.69 5.82 22.70
N ASN A 206 -20.70 5.31 21.98
CA ASN A 206 -21.24 4.02 22.31
C ASN A 206 -21.18 3.07 21.12
N SER A 207 -20.47 3.49 20.05
CA SER A 207 -20.60 2.84 18.75
C SER A 207 -19.29 2.22 18.28
N VAL A 208 -18.37 1.98 19.21
CA VAL A 208 -17.09 1.37 18.90
C VAL A 208 -17.27 -0.15 18.71
N VAL A 209 -16.88 -0.70 17.55
CA VAL A 209 -17.24 -2.08 17.23
C VAL A 209 -16.14 -3.02 17.70
N PHE A 210 -14.87 -2.78 17.33
CA PHE A 210 -13.80 -3.71 17.66
C PHE A 210 -12.75 -3.04 18.55
N ASN A 211 -12.16 -3.87 19.43
CA ASN A 211 -11.01 -3.51 20.26
C ASN A 211 -9.67 -3.88 19.59
N GLY A 212 -9.02 -2.80 19.16
CA GLY A 212 -7.66 -2.82 18.67
C GLY A 212 -6.62 -3.36 19.65
N ASP A 213 -6.79 -3.12 20.97
CA ASP A 213 -5.79 -3.61 21.89
C ASP A 213 -5.65 -5.14 21.82
N ARG A 214 -6.70 -5.82 21.32
CA ARG A 214 -7.09 -7.16 21.77
C ARG A 214 -7.35 -8.11 20.61
N LEU A 215 -7.66 -7.54 19.43
CA LEU A 215 -7.93 -8.29 18.23
C LEU A 215 -6.79 -8.09 17.22
N TYR A 216 -6.09 -9.19 16.97
CA TYR A 216 -5.09 -9.22 15.92
C TYR A 216 -5.59 -10.10 14.78
N ASN A 217 -5.11 -9.85 13.55
CA ASN A 217 -5.28 -10.71 12.39
C ASN A 217 -6.74 -10.78 11.98
N ILE A 218 -7.40 -9.64 12.06
CA ILE A 218 -8.83 -9.65 11.85
C ILE A 218 -9.12 -9.12 10.46
N ASN A 219 -9.84 -9.94 9.72
CA ASN A 219 -10.28 -9.57 8.40
C ASN A 219 -11.74 -9.11 8.53
N VAL A 220 -11.99 -7.79 8.44
CA VAL A 220 -13.34 -7.22 8.38
C VAL A 220 -13.75 -6.87 6.93
N HIS A 221 -14.63 -7.69 6.28
CA HIS A 221 -14.87 -7.65 4.84
C HIS A 221 -16.33 -7.78 4.45
N HIS A 222 -16.68 -7.04 3.38
CA HIS A 222 -17.98 -7.06 2.72
C HIS A 222 -19.15 -6.84 3.68
N ASN A 223 -18.91 -6.03 4.74
CA ASN A 223 -19.93 -5.56 5.66
C ASN A 223 -20.47 -4.18 5.26
N ASN A 224 -21.21 -3.53 6.18
CA ASN A 224 -21.83 -2.22 6.01
C ASN A 224 -21.82 -1.52 7.36
N PHE A 225 -21.40 -0.26 7.36
CA PHE A 225 -21.36 0.54 8.56
C PHE A 225 -22.06 1.85 8.25
N LYS A 226 -22.79 2.36 9.25
CA LYS A 226 -23.75 3.44 9.07
C LYS A 226 -23.84 4.24 10.36
N GLY A 227 -23.91 5.59 10.27
CA GLY A 227 -23.95 6.49 11.43
C GLY A 227 -22.69 6.33 12.27
N ASN A 228 -22.75 6.76 13.56
CA ASN A 228 -21.56 7.18 14.34
C ASN A 228 -20.64 6.06 14.84
N ILE A 229 -20.42 5.05 14.02
CA ILE A 229 -19.52 3.94 14.30
C ILE A 229 -18.05 4.38 14.32
N THR A 230 -17.32 3.94 15.34
CA THR A 230 -15.87 3.82 15.28
C THR A 230 -15.60 2.34 15.08
N ILE A 231 -14.97 2.03 13.96
CA ILE A 231 -14.70 0.63 13.65
C ILE A 231 -13.65 0.06 14.58
N PHE A 232 -12.51 0.73 14.80
CA PHE A 232 -11.62 0.20 15.81
C PHE A 232 -11.17 1.32 16.69
N LYS A 233 -11.08 1.01 17.99
CA LYS A 233 -10.44 1.88 18.98
C LYS A 233 -9.36 1.07 19.70
N ALA A 234 -8.31 1.78 20.05
CA ALA A 234 -7.28 1.36 20.98
C ALA A 234 -7.51 2.09 22.31
N TYR A 235 -7.14 1.46 23.44
CA TYR A 235 -7.39 2.03 24.78
C TYR A 235 -6.13 2.11 25.64
N VAL A 236 -5.48 0.98 25.91
CA VAL A 236 -4.46 0.88 26.96
C VAL A 236 -3.10 1.18 26.36
N LYS A 237 -2.32 2.01 27.09
CA LYS A 237 -0.90 2.32 26.87
C LYS A 237 -0.10 1.14 27.40
N ARG A 238 0.78 0.58 26.57
CA ARG A 238 1.18 -0.82 26.63
C ARG A 238 2.48 -1.02 25.84
N GLU A 239 2.88 -0.05 25.01
CA GLU A 239 4.16 -0.11 24.30
C GLU A 239 4.83 1.25 24.35
N VAL A 240 5.65 1.35 25.40
CA VAL A 240 6.45 2.50 25.84
C VAL A 240 5.53 3.72 25.81
N GLY A 241 4.43 3.60 26.57
CA GLY A 241 3.54 4.73 26.72
C GLY A 241 2.53 4.87 25.58
N ARG A 242 2.52 3.89 24.64
CA ARG A 242 1.61 3.91 23.51
C ARG A 242 0.66 2.70 23.50
N GLN A 243 -0.57 2.92 23.07
CA GLN A 243 -1.48 1.88 22.59
C GLN A 243 -1.00 1.41 21.22
N TYR A 244 -1.36 0.19 20.82
CA TYR A 244 -1.18 -0.30 19.47
C TYR A 244 -2.28 -1.29 19.05
N THR A 245 -2.49 -1.43 17.74
CA THR A 245 -3.35 -2.42 17.09
C THR A 245 -2.46 -3.25 16.15
N GLN A 246 -2.98 -4.37 15.64
CA GLN A 246 -2.08 -5.23 14.89
C GLN A 246 -2.84 -6.10 13.89
N SER A 247 -2.38 -6.06 12.63
CA SER A 247 -2.86 -6.92 11.55
C SER A 247 -4.40 -6.89 11.42
N VAL A 248 -4.88 -5.67 11.26
CA VAL A 248 -6.27 -5.34 11.01
C VAL A 248 -6.40 -5.03 9.53
N SER A 249 -7.45 -5.54 8.91
CA SER A 249 -7.72 -5.38 7.49
C SER A 249 -9.23 -5.19 7.29
N ILE A 250 -9.54 -4.06 6.67
CA ILE A 250 -10.88 -3.58 6.38
C ILE A 250 -10.96 -3.39 4.87
N ASN A 251 -11.79 -4.18 4.23
CA ASN A 251 -11.81 -4.27 2.79
C ASN A 251 -13.22 -4.59 2.35
N HIS A 252 -13.57 -4.08 1.15
CA HIS A 252 -14.88 -4.27 0.53
C HIS A 252 -16.05 -4.01 1.49
N ASN A 253 -16.01 -2.98 2.34
CA ASN A 253 -17.20 -2.59 3.07
C ASN A 253 -17.81 -1.34 2.44
N HIS A 254 -19.12 -1.17 2.66
CA HIS A 254 -19.66 0.18 2.57
C HIS A 254 -19.50 0.88 3.90
N LEU A 255 -19.38 2.21 3.83
CA LEU A 255 -19.25 3.01 5.02
C LEU A 255 -20.06 4.29 4.80
N THR A 256 -20.84 4.74 5.80
CA THR A 256 -21.71 5.90 5.69
C THR A 256 -21.91 6.53 7.06
N GLY A 257 -21.40 7.74 7.20
CA GLY A 257 -21.54 8.47 8.44
C GLY A 257 -20.46 8.09 9.45
N VAL A 258 -19.56 7.18 9.06
CA VAL A 258 -18.60 6.58 9.98
C VAL A 258 -17.83 7.67 10.70
N TYR A 259 -17.83 7.55 12.02
CA TYR A 259 -17.18 8.55 12.85
C TYR A 259 -15.65 8.47 12.68
N ARG A 260 -15.02 7.30 13.01
CA ARG A 260 -13.62 6.97 12.73
C ARG A 260 -13.49 5.57 12.16
N VAL A 261 -12.62 5.43 11.14
CA VAL A 261 -12.30 4.10 10.69
C VAL A 261 -11.46 3.39 11.75
N ILE A 262 -10.49 4.10 12.32
CA ILE A 262 -9.63 3.54 13.36
C ILE A 262 -9.09 4.67 14.21
N GLU A 263 -9.11 4.45 15.51
CA GLU A 263 -8.54 5.44 16.42
C GLU A 263 -7.52 4.70 17.26
N SER A 264 -6.28 5.19 17.25
CA SER A 264 -5.19 4.58 17.97
C SER A 264 -3.99 5.52 18.09
N ASP A 265 -3.09 5.19 19.03
CA ASP A 265 -1.79 5.83 19.12
C ASP A 265 -0.91 5.31 17.97
N LYS A 266 -0.68 3.99 17.94
CA LYS A 266 0.17 3.33 16.95
C LYS A 266 -0.70 2.31 16.22
N SER A 267 -0.25 1.87 15.04
CA SER A 267 -0.92 0.80 14.30
C SER A 267 0.08 -0.01 13.52
N TYR A 268 0.09 -1.32 13.82
CA TYR A 268 0.86 -2.19 12.97
C TYR A 268 -0.02 -2.87 11.93
N ASN A 269 0.45 -2.84 10.69
CA ASN A 269 -0.04 -3.71 9.63
C ASN A 269 -1.53 -3.50 9.47
N LEU A 270 -1.85 -2.36 8.90
CA LEU A 270 -3.23 -1.99 8.77
C LEU A 270 -3.52 -1.67 7.30
N ASP A 271 -4.70 -2.11 6.88
CA ASP A 271 -5.13 -2.24 5.50
C ASP A 271 -6.49 -1.59 5.39
N PHE A 272 -6.72 -0.84 4.32
CA PHE A 272 -8.00 -0.23 4.08
C PHE A 272 -8.20 -0.16 2.56
N SER A 273 -8.86 -1.20 2.03
CA SER A 273 -8.88 -1.56 0.63
C SER A 273 -10.29 -1.70 0.08
N TYR A 274 -10.53 -1.18 -1.12
CA TYR A 274 -11.73 -1.47 -1.89
C TYR A 274 -13.00 -1.22 -1.09
N ASN A 275 -12.98 -0.25 -0.15
CA ASN A 275 -14.17 0.18 0.58
C ASN A 275 -14.92 1.24 -0.23
N MET A 276 -16.24 1.37 0.02
CA MET A 276 -17.05 2.43 -0.55
C MET A 276 -17.66 3.30 0.54
N CYS A 277 -17.05 4.49 0.78
CA CYS A 277 -17.31 5.35 1.94
C CYS A 277 -17.89 6.70 1.53
N GLU A 278 -19.16 6.92 1.93
CA GLU A 278 -19.98 8.12 1.69
C GLU A 278 -20.25 8.86 2.97
N ALA A 279 -20.12 10.17 2.87
CA ALA A 279 -20.49 11.10 3.91
C ALA A 279 -20.03 10.63 5.28
N CYS A 280 -18.78 10.18 5.36
CA CYS A 280 -18.14 9.85 6.63
C CYS A 280 -17.59 11.10 7.30
N ILE A 281 -17.33 11.01 8.62
CA ILE A 281 -16.92 12.18 9.39
C ILE A 281 -15.40 12.29 9.37
N GLY A 282 -14.79 11.11 9.48
CA GLY A 282 -13.37 10.92 9.68
C GLY A 282 -12.99 9.47 9.40
N GLY A 283 -11.66 9.27 9.18
CA GLY A 283 -11.04 8.08 8.67
C GLY A 283 -10.04 7.50 9.68
N ILE A 284 -8.74 7.49 9.32
CA ILE A 284 -7.70 6.84 10.09
C ILE A 284 -7.02 7.93 10.94
N TYR A 285 -7.47 8.11 12.18
CA TYR A 285 -6.80 8.98 13.15
C TYR A 285 -5.85 8.14 13.99
N VAL A 286 -4.53 8.21 13.68
CA VAL A 286 -3.44 7.45 14.29
C VAL A 286 -2.31 8.39 14.68
N GLY A 287 -1.78 8.21 15.91
CA GLY A 287 -0.74 9.04 16.54
C GLY A 287 -1.05 10.52 16.53
N VAL A 288 -2.32 10.84 16.77
CA VAL A 288 -2.84 12.19 16.82
C VAL A 288 -2.49 12.84 18.15
N ASP A 289 -3.08 12.37 19.28
CA ASP A 289 -2.85 12.94 20.61
C ASP A 289 -1.44 12.61 21.08
N ALA A 290 -1.08 11.33 20.92
CA ALA A 290 0.17 10.76 21.40
C ALA A 290 0.92 10.16 20.21
N PRO A 291 1.65 11.00 19.40
CA PRO A 291 2.44 10.50 18.28
C PRO A 291 3.60 9.65 18.78
N TRP A 292 4.22 8.93 17.85
CA TRP A 292 5.42 8.17 18.11
C TRP A 292 6.32 8.17 16.89
N ASP A 293 7.54 7.56 16.99
CA ASP A 293 8.52 7.79 15.94
C ASP A 293 8.15 6.94 14.75
N PRO A 294 8.16 5.60 14.86
CA PRO A 294 7.16 4.89 14.04
C PRO A 294 5.79 4.81 14.73
N ASN A 295 4.78 5.34 14.06
CA ASN A 295 3.50 5.37 14.71
C ASN A 295 2.46 4.67 13.85
N ASN A 296 2.75 4.57 12.55
CA ASN A 296 2.07 3.59 11.72
C ASN A 296 3.14 2.85 10.94
N ILE A 297 3.16 1.54 11.09
CA ILE A 297 4.20 0.69 10.59
C ILE A 297 3.44 -0.23 9.66
N SER A 298 3.64 -0.05 8.36
CA SER A 298 2.79 -0.59 7.30
C SER A 298 1.39 0.00 7.37
N LEU A 299 1.02 0.64 6.27
CA LEU A 299 -0.29 1.29 6.19
C LEU A 299 -0.76 1.30 4.77
N THR A 300 -1.89 0.66 4.52
CA THR A 300 -2.30 0.55 3.13
C THR A 300 -3.66 1.17 3.01
N ILE A 301 -3.79 2.10 2.08
CA ILE A 301 -5.06 2.71 1.74
C ILE A 301 -5.22 2.59 0.23
N HIS A 302 -5.71 1.43 -0.22
CA HIS A 302 -5.80 1.12 -1.63
C HIS A 302 -7.25 1.16 -2.11
N ARG A 303 -7.50 1.81 -3.26
CA ARG A 303 -8.67 1.54 -4.09
C ARG A 303 -10.01 1.75 -3.36
N ASN A 304 -10.12 2.75 -2.49
CA ASN A 304 -11.39 3.13 -1.90
C ASN A 304 -12.10 4.24 -2.69
N LEU A 305 -13.44 4.27 -2.58
CA LEU A 305 -14.19 5.50 -2.75
C LEU A 305 -14.22 6.17 -1.39
N TRP A 306 -13.89 7.45 -1.35
CA TRP A 306 -14.05 8.26 -0.16
C TRP A 306 -14.51 9.66 -0.62
N GLU A 307 -15.79 9.97 -0.47
CA GLU A 307 -16.39 11.13 -1.11
C GLU A 307 -17.32 11.89 -0.15
N GLY A 308 -17.60 13.19 -0.41
CA GLY A 308 -18.45 13.98 0.48
C GLY A 308 -18.17 13.84 1.99
N SER A 309 -16.89 13.92 2.41
CA SER A 309 -16.46 13.30 3.66
C SER A 309 -15.50 14.19 4.46
N GLY A 310 -15.04 13.69 5.62
CA GLY A 310 -14.02 14.40 6.40
C GLY A 310 -12.60 13.99 6.02
N MET A 311 -11.69 14.19 6.97
CA MET A 311 -10.28 13.88 6.78
C MET A 311 -10.16 12.37 6.72
N LEU A 312 -9.35 11.83 5.79
CA LEU A 312 -9.26 10.38 5.57
C LEU A 312 -8.11 9.84 6.40
N LEU A 313 -7.10 10.68 6.56
CA LEU A 313 -5.96 10.24 7.34
C LEU A 313 -5.34 11.45 7.98
N LYS A 314 -4.99 11.26 9.27
CA LYS A 314 -4.46 12.29 10.17
C LYS A 314 -3.50 11.66 11.18
N THR A 315 -2.26 12.11 11.15
CA THR A 315 -1.26 11.69 12.13
C THR A 315 -0.45 12.88 12.62
N ASN A 316 0.36 12.65 13.65
CA ASN A 316 1.30 13.60 14.16
C ASN A 316 2.63 12.90 14.31
N GLY A 317 2.62 11.61 13.99
CA GLY A 317 3.77 10.72 14.05
C GLY A 317 4.18 10.18 12.68
N GLY A 318 5.26 9.43 12.68
CA GLY A 318 5.80 8.92 11.42
C GLY A 318 5.00 7.76 10.89
N ILE A 319 4.85 7.81 9.57
CA ILE A 319 4.35 6.67 8.84
C ILE A 319 5.50 6.01 8.08
N ILE A 320 5.53 4.67 8.18
CA ILE A 320 6.57 3.81 7.66
C ILE A 320 5.92 2.76 6.76
N GLY A 321 6.24 2.77 5.46
CA GLY A 321 5.88 1.72 4.52
C GLY A 321 4.40 1.83 4.16
N GLY A 322 4.09 2.97 3.53
CA GLY A 322 2.75 3.42 3.23
C GLY A 322 2.49 3.45 1.73
N THR A 323 1.26 3.03 1.38
CA THR A 323 0.73 3.01 0.02
C THR A 323 -0.64 3.63 0.08
N ILE A 324 -0.81 4.69 -0.70
CA ILE A 324 -2.11 5.26 -0.87
C ILE A 324 -2.38 5.27 -2.37
N SER A 325 -3.07 4.26 -2.88
CA SER A 325 -3.17 4.05 -4.31
C SER A 325 -4.61 3.98 -4.83
N ALA A 326 -4.79 4.41 -6.09
CA ALA A 326 -5.98 4.16 -6.92
C ALA A 326 -7.28 4.51 -6.19
N ASN A 327 -7.21 5.48 -5.28
CA ASN A 327 -8.42 5.88 -4.58
C ASN A 327 -9.14 6.95 -5.41
N TYR A 328 -10.45 7.08 -5.18
CA TYR A 328 -11.24 8.18 -5.70
C TYR A 328 -11.68 9.01 -4.51
N PHE A 329 -11.25 10.29 -4.52
CA PHE A 329 -11.55 11.26 -3.48
C PHE A 329 -12.25 12.47 -4.08
N GLU A 330 -13.58 12.45 -4.04
CA GLU A 330 -14.38 13.59 -4.49
C GLU A 330 -14.87 14.35 -3.26
N ASN A 331 -14.78 15.67 -3.31
CA ASN A 331 -15.59 16.52 -2.43
C ASN A 331 -15.37 16.23 -0.93
N ASN A 332 -14.12 16.38 -0.50
CA ASN A 332 -13.86 16.05 0.89
C ASN A 332 -13.55 17.33 1.65
N THR A 333 -14.59 18.14 1.89
CA THR A 333 -14.49 19.47 2.44
C THR A 333 -15.15 19.57 3.83
N PHE A 334 -15.33 18.43 4.53
CA PHE A 334 -16.19 18.40 5.72
C PHE A 334 -15.45 18.17 7.07
N ASN A 335 -16.12 18.41 8.19
CA ASN A 335 -15.59 18.11 9.52
C ASN A 335 -14.16 18.68 9.63
N ASP A 336 -13.18 17.80 9.93
CA ASP A 336 -11.78 18.16 10.09
C ASP A 336 -11.08 18.56 8.79
N ALA A 337 -11.57 17.98 7.67
CA ALA A 337 -11.13 18.37 6.33
C ALA A 337 -11.37 19.86 6.00
N GLY A 338 -12.56 20.38 6.29
CA GLY A 338 -12.89 21.80 6.20
C GLY A 338 -12.14 22.67 7.22
N ILE A 339 -11.82 22.12 8.38
CA ILE A 339 -11.10 22.95 9.34
C ILE A 339 -9.66 23.11 8.87
N GLU A 340 -9.01 21.98 8.57
CA GLU A 340 -7.57 21.91 8.38
C GLU A 340 -7.18 22.08 6.91
N LYS A 341 -8.16 22.00 6.01
CA LYS A 341 -8.13 22.33 4.60
C LYS A 341 -7.17 21.38 3.89
N CYS A 342 -7.51 20.11 3.98
CA CYS A 342 -6.74 18.97 3.53
C CYS A 342 -7.52 17.69 3.84
N LEU A 343 -7.21 16.67 3.06
CA LEU A 343 -7.80 15.37 3.17
C LEU A 343 -6.87 14.43 3.94
N ILE A 344 -5.55 14.62 3.79
CA ILE A 344 -4.55 13.88 4.58
C ILE A 344 -3.72 14.92 5.28
N SER A 345 -3.46 14.70 6.56
CA SER A 345 -2.74 15.72 7.30
C SER A 345 -1.68 15.01 8.11
N ILE A 346 -0.46 15.05 7.56
CA ILE A 346 0.70 14.43 8.20
C ILE A 346 1.53 15.53 8.81
N ASN A 347 1.57 15.45 10.11
CA ASN A 347 2.38 16.41 10.82
C ASN A 347 3.42 15.60 11.58
N ARG A 348 4.36 16.29 12.21
CA ARG A 348 5.24 15.75 13.23
C ARG A 348 5.31 16.78 14.35
N THR A 349 4.71 16.53 15.51
CA THR A 349 4.74 17.45 16.66
C THR A 349 4.19 16.70 17.85
N GLY A 350 4.71 17.07 19.04
CA GLY A 350 4.40 16.41 20.30
C GLY A 350 5.48 15.38 20.59
N THR A 351 5.70 15.11 21.89
CA THR A 351 6.82 14.32 22.40
C THR A 351 6.72 12.94 21.75
N GLY A 352 7.80 12.52 21.07
CA GLY A 352 7.93 11.18 20.46
C GLY A 352 7.89 11.14 18.93
N ALA A 353 7.31 12.18 18.32
CA ALA A 353 6.83 12.28 16.96
C ALA A 353 7.97 12.14 15.93
N GLY A 354 7.81 11.27 14.94
CA GLY A 354 8.85 11.12 13.94
C GLY A 354 8.39 11.48 12.53
N TYR A 355 9.33 11.32 11.60
CA TYR A 355 9.13 11.67 10.21
C TYR A 355 8.43 10.49 9.57
N ALA A 356 7.52 10.80 8.65
CA ALA A 356 7.13 9.92 7.55
C ALA A 356 8.35 9.51 6.71
N SER A 357 8.36 8.24 6.24
CA SER A 357 9.45 7.66 5.49
C SER A 357 9.11 6.38 4.73
N GLY A 358 9.22 6.44 3.40
CA GLY A 358 8.85 5.33 2.54
C GLY A 358 7.34 5.28 2.40
N LEU A 359 6.83 6.13 1.53
CA LEU A 359 5.40 6.36 1.36
C LEU A 359 5.24 6.60 -0.12
N VAL A 360 4.43 5.75 -0.76
CA VAL A 360 4.06 5.94 -2.15
C VAL A 360 2.61 6.31 -2.26
N ILE A 361 2.33 7.37 -2.99
CA ILE A 361 0.98 7.83 -3.23
C ILE A 361 0.80 7.83 -4.75
N SER A 362 0.05 6.86 -5.30
CA SER A 362 -0.09 6.80 -6.76
C SER A 362 -1.51 6.60 -7.24
N GLY A 363 -1.71 7.02 -8.49
CA GLY A 363 -2.97 6.96 -9.23
C GLY A 363 -4.24 7.43 -8.51
N ASN A 364 -4.13 8.30 -7.49
CA ASN A 364 -5.34 8.77 -6.82
C ASN A 364 -5.96 9.91 -7.62
N THR A 365 -7.27 10.06 -7.42
CA THR A 365 -8.06 11.15 -7.99
C THR A 365 -8.55 12.00 -6.84
N PHE A 366 -8.19 13.27 -6.90
CA PHE A 366 -8.46 14.26 -5.88
C PHE A 366 -9.27 15.37 -6.52
N SER A 367 -10.59 15.34 -6.37
CA SER A 367 -11.37 16.36 -7.03
C SER A 367 -12.47 16.98 -6.16
N GLY A 368 -13.05 18.00 -6.80
CA GLY A 368 -14.15 18.82 -6.36
C GLY A 368 -14.01 19.29 -4.92
N ASN A 369 -12.83 19.79 -4.53
CA ASN A 369 -12.67 20.48 -3.25
C ASN A 369 -12.73 22.00 -3.43
N GLY A 370 -13.37 22.44 -4.53
CA GLY A 370 -13.39 23.80 -5.04
C GLY A 370 -13.93 24.80 -4.02
N ALA A 371 -14.89 24.33 -3.23
CA ALA A 371 -15.54 25.05 -2.12
C ALA A 371 -14.51 25.69 -1.17
N ILE A 372 -13.35 25.07 -1.02
CA ILE A 372 -12.28 25.64 -0.23
C ILE A 372 -11.23 26.13 -1.22
N PRO A 373 -11.17 27.45 -1.57
CA PRO A 373 -10.29 27.90 -2.66
C PRO A 373 -8.81 27.53 -2.46
N ASP A 374 -8.44 27.26 -1.19
CA ASP A 374 -7.08 26.91 -0.80
C ASP A 374 -6.96 25.53 -0.15
N PHE A 375 -7.72 24.55 -0.62
CA PHE A 375 -7.49 23.18 -0.23
C PHE A 375 -6.10 22.72 -0.69
N VAL A 376 -5.39 22.11 0.27
CA VAL A 376 -4.22 21.30 0.00
C VAL A 376 -4.62 19.83 0.14
N ASP A 377 -4.30 18.98 -0.82
CA ASP A 377 -4.76 17.60 -0.70
C ASP A 377 -4.02 16.85 0.40
N VAL A 378 -2.69 17.01 0.44
CA VAL A 378 -1.86 16.28 1.38
C VAL A 378 -0.96 17.28 2.07
N ARG A 379 -1.40 17.86 3.20
CA ARG A 379 -0.52 18.57 4.12
C ARG A 379 0.58 17.65 4.71
N TYR A 380 1.85 18.05 4.56
CA TYR A 380 3.02 17.32 5.00
C TYR A 380 3.88 18.32 5.78
N VAL A 381 3.70 18.43 7.10
CA VAL A 381 4.25 19.58 7.82
C VAL A 381 5.37 19.11 8.73
N ASN A 382 6.40 19.95 8.97
CA ASN A 382 7.62 19.64 9.73
C ASN A 382 8.35 18.40 9.23
N GLN A 383 8.53 18.26 7.91
CA GLN A 383 9.28 17.11 7.41
C GLN A 383 10.64 17.57 6.93
N SER A 384 10.88 18.87 6.94
CA SER A 384 12.20 19.30 6.53
C SER A 384 13.29 18.49 7.21
N THR A 385 14.21 18.00 6.39
CA THR A 385 15.51 17.61 6.92
C THR A 385 16.60 18.21 6.05
N GLU A 386 16.42 19.48 5.72
CA GLU A 386 17.33 20.20 4.84
C GLU A 386 18.56 20.65 5.60
N SER A 387 18.47 20.63 6.94
CA SER A 387 19.57 20.83 7.88
C SER A 387 20.66 19.75 7.73
N SER A 388 20.32 18.54 7.31
CA SER A 388 21.31 17.51 7.03
C SER A 388 22.27 18.02 5.97
N SER A 389 23.53 17.68 6.15
CA SER A 389 24.54 18.30 5.35
C SER A 389 24.72 17.50 4.05
N THR A 390 24.17 16.27 3.90
CA THR A 390 24.28 15.77 2.54
C THR A 390 22.99 15.24 1.97
N SER A 391 22.97 14.98 0.65
CA SER A 391 21.80 14.34 0.05
C SER A 391 21.96 12.84 0.09
N LYS A 392 23.10 12.32 0.61
CA LYS A 392 23.57 10.95 0.37
C LYS A 392 23.02 9.84 1.30
N THR A 393 22.44 10.19 2.47
CA THR A 393 21.91 9.30 3.49
C THR A 393 20.41 9.19 3.31
N ALA A 394 19.83 8.04 3.76
CA ALA A 394 18.40 7.80 3.59
C ALA A 394 17.77 7.23 4.86
N ASN A 395 18.29 7.68 6.02
CA ASN A 395 17.71 7.50 7.33
C ASN A 395 16.26 7.97 7.30
N VAL A 396 16.00 9.17 6.72
CA VAL A 396 14.68 9.72 6.41
C VAL A 396 14.55 10.00 4.90
N LYS A 397 13.40 9.61 4.32
CA LYS A 397 13.07 9.80 2.92
C LYS A 397 11.62 10.24 2.79
N PRO A 398 11.30 11.40 2.16
CA PRO A 398 9.90 11.82 2.02
C PRO A 398 9.06 11.03 1.01
N VAL A 399 7.74 11.20 1.15
CA VAL A 399 6.74 10.70 0.23
C VAL A 399 7.14 10.92 -1.25
N VAL A 400 6.83 9.92 -2.11
CA VAL A 400 6.82 10.05 -3.57
C VAL A 400 5.39 9.94 -4.02
N PHE A 401 4.99 10.94 -4.79
CA PHE A 401 3.68 11.03 -5.44
C PHE A 401 3.84 10.76 -6.93
N ILE A 402 2.95 9.96 -7.50
CA ILE A 402 3.15 9.46 -8.84
C ILE A 402 1.84 9.22 -9.58
N GLY A 403 1.71 9.86 -10.73
CA GLY A 403 0.57 9.78 -11.62
C GLY A 403 -0.77 9.92 -10.90
N ASN A 404 -0.85 10.80 -9.89
CA ASN A 404 -2.12 11.24 -9.33
C ASN A 404 -2.67 12.36 -10.21
N TRP A 405 -3.91 12.79 -9.90
CA TRP A 405 -4.60 13.87 -10.57
C TRP A 405 -5.33 14.65 -9.49
N SER A 406 -5.11 15.96 -9.45
CA SER A 406 -5.71 16.90 -8.53
C SER A 406 -5.99 18.21 -9.25
N ASN A 407 -7.11 18.84 -8.88
CA ASN A 407 -7.53 20.15 -9.38
C ASN A 407 -7.76 21.01 -8.16
N SER A 408 -7.33 20.49 -7.01
CA SER A 408 -7.24 21.30 -5.82
C SER A 408 -6.10 22.30 -5.95
N TYR A 409 -6.19 23.31 -5.09
CA TYR A 409 -5.32 24.46 -5.12
C TYR A 409 -3.84 24.03 -5.13
N LEU A 410 -3.45 23.15 -4.19
CA LEU A 410 -2.23 22.35 -4.23
C LEU A 410 -2.54 20.90 -3.86
N MET A 411 -1.86 19.97 -4.53
CA MET A 411 -1.74 18.60 -4.07
C MET A 411 -1.05 18.48 -2.71
N THR A 412 0.09 19.16 -2.53
CA THR A 412 0.91 19.07 -1.33
C THR A 412 1.61 20.39 -1.12
N ASN A 413 2.21 20.60 0.05
CA ASN A 413 2.90 21.85 0.39
C ASN A 413 4.36 21.62 0.78
N PHE A 414 4.86 20.36 0.72
CA PHE A 414 6.23 20.11 1.06
C PHE A 414 7.08 20.00 -0.19
N ALA A 415 8.13 20.83 -0.26
CA ALA A 415 8.92 20.90 -1.47
C ALA A 415 9.67 19.60 -1.62
N GLY A 416 9.98 18.92 -0.51
CA GLY A 416 10.80 17.72 -0.65
C GLY A 416 9.97 16.48 -1.03
N ALA A 417 8.65 16.57 -1.23
CA ALA A 417 7.92 15.48 -1.86
C ALA A 417 8.46 15.28 -3.28
N LEU A 418 8.75 14.02 -3.64
CA LEU A 418 9.12 13.69 -5.00
C LEU A 418 7.85 13.59 -5.87
N LEU A 419 7.78 14.37 -6.95
CA LEU A 419 6.66 14.41 -7.89
C LEU A 419 7.03 13.77 -9.23
N ILE A 420 6.33 12.68 -9.56
CA ILE A 420 6.51 12.01 -10.85
C ILE A 420 5.19 12.00 -11.63
N ASN A 421 5.04 12.86 -12.67
CA ASN A 421 3.90 12.91 -13.59
C ASN A 421 2.56 12.90 -12.87
N ASN A 422 2.46 13.80 -11.89
CA ASN A 422 1.20 14.23 -11.30
C ASN A 422 0.67 15.46 -12.01
N ARG A 423 -0.57 15.30 -12.41
CA ARG A 423 -1.40 16.41 -12.88
C ARG A 423 -1.89 17.15 -11.65
N CYS A 424 -1.53 18.42 -11.52
CA CYS A 424 -1.95 19.19 -10.34
C CYS A 424 -1.95 20.71 -10.61
N SER A 425 -2.71 21.46 -9.82
CA SER A 425 -2.85 22.87 -10.05
C SER A 425 -1.62 23.48 -9.40
N ASN A 426 -1.23 24.61 -9.96
CA ASN A 426 -0.14 25.45 -9.50
C ASN A 426 1.19 24.72 -9.41
N ARG A 427 1.52 23.86 -10.40
CA ARG A 427 2.75 23.11 -10.32
C ARG A 427 3.95 24.08 -10.28
N ASN A 428 3.82 25.21 -10.97
CA ASN A 428 4.83 26.27 -11.03
C ASN A 428 4.74 27.28 -9.88
N THR A 429 3.90 27.03 -8.87
CA THR A 429 4.05 27.57 -7.52
C THR A 429 5.16 26.81 -6.77
N MET A 430 5.43 25.52 -7.08
CA MET A 430 5.95 24.69 -6.00
C MET A 430 7.43 24.49 -6.18
N PHE A 431 8.19 24.48 -5.09
CA PHE A 431 9.64 24.28 -5.15
C PHE A 431 10.05 22.85 -5.53
N ASN A 432 9.11 21.89 -5.49
CA ASN A 432 9.52 20.52 -5.80
C ASN A 432 10.28 20.44 -7.13
N ALA A 433 11.42 19.79 -7.13
CA ALA A 433 12.22 19.42 -8.30
C ALA A 433 11.38 18.92 -9.46
N TYR A 434 11.62 19.45 -10.66
CA TYR A 434 11.12 18.90 -11.91
C TYR A 434 12.06 17.81 -12.38
N SER A 435 11.49 16.69 -12.82
CA SER A 435 12.27 15.56 -13.32
C SER A 435 13.01 16.00 -14.59
N PRO A 436 14.16 15.39 -14.96
CA PRO A 436 14.77 15.67 -16.26
C PRO A 436 13.86 15.25 -17.40
N GLN A 437 13.07 14.19 -17.23
CA GLN A 437 12.08 13.79 -18.21
C GLN A 437 11.03 14.88 -18.48
N GLU A 438 10.28 15.41 -17.45
CA GLU A 438 9.34 16.50 -17.67
C GLU A 438 10.10 17.62 -18.38
N GLY A 439 11.31 17.96 -17.91
CA GLY A 439 12.00 19.11 -18.45
C GLY A 439 12.74 18.78 -19.73
N ARG A 440 12.35 17.68 -20.41
CA ARG A 440 12.77 17.28 -21.75
C ARG A 440 14.30 17.23 -21.84
N VAL A 441 14.84 16.36 -21.01
CA VAL A 441 16.25 16.03 -20.99
C VAL A 441 16.40 14.50 -20.94
N THR A 442 17.33 13.98 -21.73
CA THR A 442 17.67 12.56 -21.80
C THR A 442 19.16 12.28 -21.57
N PHE A 443 19.48 11.05 -21.11
CA PHE A 443 20.86 10.69 -20.82
C PHE A 443 21.22 9.34 -21.40
N ALA A 444 22.36 9.24 -22.10
CA ALA A 444 22.87 7.91 -22.47
C ALA A 444 24.35 7.73 -22.10
N SER A 445 24.85 6.48 -22.08
CA SER A 445 26.28 6.13 -21.87
C SER A 445 26.64 4.82 -22.57
N GLY A 446 27.93 4.69 -22.92
CA GLY A 446 28.49 3.46 -23.47
C GLY A 446 30.01 3.45 -23.45
N TYR A 447 30.57 2.41 -24.06
CA TYR A 447 32.00 2.39 -24.27
C TYR A 447 32.35 1.89 -25.67
N LEU A 448 33.57 2.25 -26.13
CA LEU A 448 34.21 1.67 -27.30
C LEU A 448 35.55 1.13 -26.88
N ASP A 449 35.93 -0.04 -27.43
CA ASP A 449 37.34 -0.40 -27.29
C ASP A 449 37.96 -0.23 -28.67
N LYS A 450 39.10 0.47 -28.76
CA LYS A 450 39.67 0.74 -30.06
C LYS A 450 41.19 0.57 -30.09
N PRO A 451 41.69 -0.32 -30.98
CA PRO A 451 43.10 -0.37 -31.31
C PRO A 451 43.49 1.03 -31.77
N LEU A 452 44.59 1.53 -31.21
CA LEU A 452 45.19 2.83 -31.50
C LEU A 452 45.57 2.95 -32.95
N SER A 453 46.07 1.85 -33.51
CA SER A 453 46.39 1.57 -34.90
C SER A 453 45.37 2.25 -35.85
N SER A 454 44.08 2.16 -35.48
CA SER A 454 42.88 2.59 -36.18
C SER A 454 42.50 4.04 -35.90
N MET A 455 43.13 4.65 -34.90
CA MET A 455 42.75 5.98 -34.45
C MET A 455 43.81 6.98 -34.89
N LEU A 456 45.09 6.60 -34.70
CA LEU A 456 46.27 7.46 -34.78
C LEU A 456 46.65 7.79 -36.23
N SER A 457 46.80 9.10 -36.46
CA SER A 457 47.21 9.60 -37.75
C SER A 457 48.11 10.82 -37.55
N GLY A 458 49.43 10.66 -37.75
CA GLY A 458 50.41 11.66 -37.32
C GLY A 458 50.32 11.84 -35.81
N ASN A 459 50.01 13.06 -35.36
CA ASN A 459 49.64 13.28 -33.97
C ASN A 459 48.13 13.59 -33.77
N LEU A 460 47.29 13.18 -34.73
CA LEU A 460 45.83 13.25 -34.65
C LEU A 460 45.27 11.91 -34.16
N LEU A 461 44.53 11.96 -33.04
CA LEU A 461 43.80 10.84 -32.52
C LEU A 461 42.36 10.99 -32.99
N ASN A 462 41.92 10.15 -33.95
CA ASN A 462 40.56 10.15 -34.49
C ASN A 462 39.68 9.34 -33.56
N LEU A 463 39.13 10.04 -32.59
CA LEU A 463 38.73 9.37 -31.36
C LEU A 463 37.41 8.62 -31.54
N ILE A 464 36.38 9.35 -31.99
CA ILE A 464 35.02 8.86 -32.04
C ILE A 464 34.34 9.52 -33.22
N THR A 465 33.35 8.83 -33.77
CA THR A 465 32.50 9.38 -34.80
C THR A 465 31.15 9.66 -34.14
N LEU A 466 30.56 10.84 -34.40
CA LEU A 466 29.12 11.06 -34.19
C LEU A 466 28.36 10.98 -35.50
N ASP A 467 27.24 10.28 -35.43
CA ASP A 467 26.51 9.91 -36.63
C ASP A 467 25.05 10.34 -36.42
N THR A 468 24.65 11.30 -37.25
CA THR A 468 23.34 11.89 -37.17
C THR A 468 22.40 11.30 -38.22
N ARG A 469 22.89 10.35 -39.05
CA ARG A 469 21.94 9.65 -39.91
C ARG A 469 20.75 9.03 -39.14
N PRO A 470 20.92 8.24 -38.02
CA PRO A 470 19.76 7.80 -37.26
C PRO A 470 18.79 8.93 -36.84
N CYS A 471 19.32 10.15 -36.76
CA CYS A 471 18.52 11.28 -36.29
C CYS A 471 17.66 11.78 -37.42
N PHE A 472 18.31 12.02 -38.54
CA PHE A 472 17.73 12.45 -39.79
C PHE A 472 16.67 11.45 -40.27
N THR A 473 17.03 10.17 -40.43
CA THR A 473 16.13 9.07 -40.74
C THR A 473 14.78 9.28 -40.03
N ALA A 474 14.82 9.62 -38.74
CA ALA A 474 13.67 9.48 -37.86
C ALA A 474 12.87 10.80 -37.76
N GLY A 475 13.47 11.88 -38.23
CA GLY A 475 12.80 13.15 -38.38
C GLY A 475 13.86 14.25 -38.44
N TYR A 476 13.99 14.79 -39.64
CA TYR A 476 14.99 15.82 -39.84
C TYR A 476 14.52 17.08 -39.12
N ILE A 477 13.24 17.19 -38.70
CA ILE A 477 12.80 18.45 -38.08
C ILE A 477 13.21 18.46 -36.63
N ASN A 478 12.98 17.30 -36.01
CA ASN A 478 13.36 17.01 -34.64
C ASN A 478 14.85 17.01 -34.39
N THR A 479 15.68 17.05 -35.45
CA THR A 479 17.12 16.95 -35.36
C THR A 479 17.72 18.35 -35.14
N ASN A 480 17.37 18.93 -33.97
CA ASN A 480 17.94 20.17 -33.49
C ASN A 480 18.07 20.07 -31.99
N PHE A 481 19.28 19.85 -31.51
CA PHE A 481 19.41 19.62 -30.09
C PHE A 481 20.84 19.94 -29.63
N LYS A 482 20.96 20.26 -28.34
CA LYS A 482 22.31 20.33 -27.77
C LYS A 482 22.54 19.06 -26.98
N THR A 483 23.76 18.58 -27.05
CA THR A 483 24.25 17.45 -26.30
C THR A 483 25.51 17.88 -25.55
N THR A 484 25.69 17.37 -24.33
CA THR A 484 26.90 17.60 -23.55
C THR A 484 27.44 16.25 -23.09
N PHE A 485 28.67 15.94 -23.50
CA PHE A 485 29.26 14.62 -23.23
C PHE A 485 30.41 14.75 -22.25
N ASP A 486 30.49 13.82 -21.29
CA ASP A 486 31.70 13.48 -20.56
C ASP A 486 32.38 12.31 -21.26
N VAL A 487 33.58 12.54 -21.77
CA VAL A 487 34.30 11.46 -22.43
C VAL A 487 35.52 11.19 -21.59
N ASN A 488 35.68 9.93 -21.13
CA ASN A 488 36.86 9.44 -20.41
C ASN A 488 37.53 8.36 -21.24
N VAL A 489 38.82 8.56 -21.50
CA VAL A 489 39.59 7.63 -22.31
C VAL A 489 40.66 6.93 -21.46
N LEU A 490 40.56 5.60 -21.33
CA LEU A 490 41.62 4.87 -20.66
C LEU A 490 42.50 4.16 -21.69
N PHE A 491 43.71 4.71 -21.88
CA PHE A 491 44.68 4.17 -22.81
C PHE A 491 45.41 2.99 -22.17
N LYS A 492 45.61 1.94 -22.99
CA LYS A 492 46.16 0.66 -22.52
C LYS A 492 47.26 0.15 -23.43
N THR A 493 48.37 -0.26 -22.79
CA THR A 493 49.43 -1.09 -23.39
C THR A 493 48.86 -2.40 -23.91
N SER A 494 49.58 -3.09 -24.80
CA SER A 494 49.19 -4.43 -25.30
C SER A 494 48.77 -5.39 -24.18
N GLY A 495 49.49 -5.40 -23.04
CA GLY A 495 49.16 -6.18 -21.85
C GLY A 495 48.04 -5.56 -21.01
N GLY A 496 47.42 -4.46 -21.50
CA GLY A 496 46.18 -3.92 -20.96
C GLY A 496 46.36 -3.19 -19.61
N ILE A 497 47.49 -2.47 -19.50
CA ILE A 497 47.88 -1.64 -18.36
C ILE A 497 47.57 -0.19 -18.75
N ASN A 498 46.90 0.50 -17.85
CA ASN A 498 46.40 1.82 -18.12
C ASN A 498 47.51 2.80 -17.77
N THR A 499 48.30 3.20 -18.78
CA THR A 499 49.49 4.02 -18.54
C THR A 499 49.21 5.51 -18.71
N ALA A 500 48.04 5.80 -19.30
CA ALA A 500 47.62 7.16 -19.62
C ALA A 500 46.09 7.21 -19.64
N SER A 501 45.58 8.37 -19.24
CA SER A 501 44.15 8.61 -19.18
C SER A 501 43.90 10.07 -19.45
N CYS A 502 42.79 10.33 -20.13
CA CYS A 502 42.38 11.71 -20.19
C CYS A 502 40.86 11.81 -20.26
N SER A 503 40.38 13.04 -20.09
CA SER A 503 38.97 13.37 -19.90
C SER A 503 38.72 14.78 -20.43
N PHE A 504 37.54 14.96 -21.01
CA PHE A 504 37.09 16.25 -21.50
C PHE A 504 35.58 16.30 -21.63
N LYS A 505 35.04 17.52 -21.44
CA LYS A 505 33.66 17.77 -21.76
C LYS A 505 33.61 17.95 -23.25
N LEU A 506 32.48 17.62 -23.80
CA LEU A 506 32.31 18.06 -25.16
C LEU A 506 30.89 18.57 -25.35
N ASP A 507 30.75 19.81 -25.84
CA ASP A 507 29.40 20.32 -26.16
C ASP A 507 29.21 20.14 -27.63
N VAL A 508 28.09 19.54 -28.01
CA VAL A 508 27.83 19.25 -29.42
C VAL A 508 26.49 19.82 -29.82
N PHE A 509 26.46 20.54 -30.93
CA PHE A 509 25.20 21.10 -31.41
C PHE A 509 24.89 20.45 -32.73
N VAL A 510 23.71 19.84 -32.77
CA VAL A 510 23.22 19.15 -33.95
C VAL A 510 22.02 19.92 -34.51
N TYR A 511 22.12 20.31 -35.77
CA TYR A 511 21.15 21.22 -36.37
C TYR A 511 20.88 20.79 -37.80
N THR A 512 19.64 21.02 -38.19
CA THR A 512 19.19 20.70 -39.54
C THR A 512 18.21 21.81 -39.87
N PRO A 513 18.44 22.58 -40.96
CA PRO A 513 17.62 23.76 -41.30
C PRO A 513 16.20 23.37 -41.68
N LEU A 514 15.21 24.05 -41.07
CA LEU A 514 13.76 23.83 -41.20
C LEU A 514 13.13 24.78 -42.20
N GLY A 515 11.92 24.36 -42.63
CA GLY A 515 10.97 25.21 -43.36
C GLY A 515 11.20 25.36 -44.86
N ALA A 516 11.84 24.35 -45.51
CA ALA A 516 12.25 24.33 -46.91
C ALA A 516 12.31 22.91 -47.44
N GLY A 517 11.59 21.97 -46.83
CA GLY A 517 11.68 20.56 -47.21
C GLY A 517 13.00 19.89 -46.83
N THR A 518 13.04 18.56 -46.97
CA THR A 518 14.13 17.66 -46.64
C THR A 518 15.46 18.26 -47.10
N PRO A 519 16.41 18.63 -46.19
CA PRO A 519 17.77 19.08 -46.55
C PRO A 519 18.64 17.90 -46.89
N PRO A 520 19.84 18.04 -47.49
CA PRO A 520 20.72 16.89 -47.74
C PRO A 520 21.13 16.00 -46.58
N LYS A 521 21.24 16.62 -45.37
CA LYS A 521 21.75 16.01 -44.15
C LYS A 521 21.56 16.93 -42.97
N SER A 522 21.90 16.40 -41.77
CA SER A 522 22.04 17.13 -40.55
C SER A 522 23.48 17.58 -40.42
N ASN A 523 23.67 18.63 -39.61
CA ASN A 523 24.99 19.17 -39.39
C ASN A 523 25.31 19.20 -37.91
N LEU A 524 26.58 19.52 -37.63
CA LEU A 524 27.10 19.25 -36.30
C LEU A 524 28.24 20.20 -35.98
N LYS A 525 28.25 20.77 -34.77
CA LYS A 525 29.47 21.44 -34.33
C LYS A 525 29.77 20.96 -32.91
N ALA A 526 30.98 21.14 -32.42
CA ALA A 526 31.32 20.74 -31.04
C ALA A 526 32.38 21.65 -30.42
N VAL A 527 32.37 21.83 -29.09
CA VAL A 527 33.42 22.59 -28.41
C VAL A 527 33.90 21.66 -27.32
N MET A 528 35.21 21.55 -27.19
CA MET A 528 35.78 20.81 -26.07
C MET A 528 36.13 21.79 -24.96
N SER A 529 36.09 21.31 -23.73
CA SER A 529 36.48 22.07 -22.58
C SER A 529 36.81 21.04 -21.51
N ALA A 530 37.51 21.52 -20.48
CA ALA A 530 37.62 20.80 -19.22
C ALA A 530 38.43 19.54 -19.49
N PHE A 531 39.37 19.71 -20.42
CA PHE A 531 40.43 18.77 -20.72
C PHE A 531 41.33 18.51 -19.49
N MET A 532 41.47 17.24 -19.10
CA MET A 532 42.46 16.86 -18.11
C MET A 532 43.08 15.52 -18.49
N GLN A 533 44.32 15.26 -18.04
CA GLN A 533 44.98 13.98 -18.26
C GLN A 533 45.93 13.58 -17.14
N SER A 534 46.24 12.27 -17.13
CA SER A 534 47.25 11.70 -16.23
C SER A 534 48.62 12.33 -16.53
N ASP A 535 49.53 12.31 -15.57
CA ASP A 535 50.87 12.86 -15.73
C ASP A 535 51.81 11.99 -14.86
N THR A 536 53.12 12.26 -14.89
CA THR A 536 54.13 11.43 -14.23
C THR A 536 54.07 11.45 -12.69
N ASN A 537 53.31 12.36 -12.08
CA ASN A 537 53.10 12.38 -10.63
C ASN A 537 52.13 11.30 -10.16
N ASP A 538 51.34 10.70 -11.07
CA ASP A 538 50.39 9.64 -10.75
C ASP A 538 51.13 8.31 -10.95
N ILE A 539 51.13 7.47 -9.92
CA ILE A 539 52.03 6.35 -9.78
C ILE A 539 51.27 5.05 -10.04
N ILE A 540 51.84 4.09 -10.80
CA ILE A 540 51.20 2.79 -10.97
C ILE A 540 51.72 1.75 -9.96
N SER A 541 53.04 1.76 -9.73
CA SER A 541 53.81 0.85 -8.88
C SER A 541 55.05 1.58 -8.35
N THR A 542 55.15 1.65 -7.02
CA THR A 542 56.24 2.33 -6.32
C THR A 542 57.47 1.43 -6.31
N GLY A 543 57.23 0.14 -5.99
CA GLY A 543 58.14 -0.99 -6.12
C GLY A 543 59.02 -0.86 -7.35
N VAL A 544 58.44 -1.21 -8.50
CA VAL A 544 59.11 -1.22 -9.79
C VAL A 544 58.98 0.11 -10.53
N ASN A 545 58.66 1.18 -9.80
CA ASN A 545 58.98 2.57 -10.16
C ASN A 545 58.21 3.07 -11.41
N GLU A 546 56.89 2.79 -11.49
CA GLU A 546 56.15 3.05 -12.74
C GLU A 546 55.08 4.14 -12.61
N THR A 547 55.13 5.09 -13.55
CA THR A 547 54.21 6.22 -13.57
C THR A 547 53.19 6.14 -14.70
N MET A 548 52.16 6.97 -14.57
CA MET A 548 51.27 7.32 -15.67
C MET A 548 51.86 8.45 -16.49
N LYS A 549 51.35 8.58 -17.73
CA LYS A 549 51.91 9.54 -18.65
C LYS A 549 50.84 10.45 -19.25
N SER A 550 51.37 11.43 -19.96
CA SER A 550 50.59 12.44 -20.62
C SER A 550 50.85 12.27 -22.11
N VAL A 551 49.78 11.99 -22.84
CA VAL A 551 49.89 11.67 -24.25
C VAL A 551 49.41 12.84 -25.07
N ILE A 552 48.64 13.76 -24.48
CA ILE A 552 48.30 14.98 -25.20
C ILE A 552 49.25 16.13 -24.77
N GLY A 553 49.77 16.92 -25.73
CA GLY A 553 50.84 17.93 -25.63
C GLY A 553 50.34 19.35 -25.27
N ALA A 554 51.15 20.38 -25.54
CA ALA A 554 50.80 21.79 -25.33
C ALA A 554 49.57 22.13 -26.16
N THR A 555 48.54 22.63 -25.45
CA THR A 555 47.22 23.02 -25.95
C THR A 555 46.50 21.85 -26.63
N PRO A 556 45.71 21.06 -25.87
CA PRO A 556 44.72 20.14 -26.42
C PRO A 556 43.78 20.81 -27.42
N THR A 557 43.61 20.15 -28.58
CA THR A 557 42.88 20.68 -29.71
C THR A 557 41.96 19.59 -30.23
N MET A 558 40.72 19.97 -30.43
CA MET A 558 39.75 19.09 -31.01
C MET A 558 39.18 19.73 -32.26
N ALA A 559 39.16 18.97 -33.36
CA ALA A 559 38.50 19.44 -34.58
C ALA A 559 37.34 18.48 -34.80
N VAL A 560 36.28 19.05 -35.39
CA VAL A 560 35.15 18.30 -35.89
C VAL A 560 35.45 18.07 -37.37
N VAL A 561 35.45 16.83 -37.80
CA VAL A 561 35.73 16.47 -39.19
C VAL A 561 34.40 16.17 -39.88
N ASN A 562 34.04 16.94 -40.93
CA ASN A 562 32.74 16.76 -41.58
C ASN A 562 32.88 15.75 -42.70
N ASN A 563 32.29 14.56 -42.53
CA ASN A 563 32.55 13.45 -43.46
C ASN A 563 31.59 13.46 -44.65
N GLY A 564 30.71 14.46 -44.67
CA GLY A 564 29.94 14.90 -45.83
C GLY A 564 28.64 14.14 -46.04
N ASP A 565 28.29 13.17 -45.18
CA ASP A 565 27.11 12.30 -45.32
C ASP A 565 26.29 12.26 -44.02
N GLY A 566 26.72 12.99 -43.02
CA GLY A 566 25.97 13.02 -41.78
C GLY A 566 26.74 12.33 -40.65
N THR A 567 28.03 12.12 -40.87
CA THR A 567 28.85 11.57 -39.80
C THR A 567 30.01 12.54 -39.54
N TYR A 568 30.52 12.53 -38.30
CA TYR A 568 31.49 13.53 -37.89
C TYR A 568 32.53 12.85 -37.02
N GLY A 569 33.79 12.97 -37.43
CA GLY A 569 34.90 12.60 -36.57
C GLY A 569 35.17 13.72 -35.54
N ILE A 570 35.54 13.30 -34.33
CA ILE A 570 36.12 14.18 -33.33
C ILE A 570 37.58 13.77 -33.24
N ARG A 571 38.43 14.69 -33.70
CA ARG A 571 39.87 14.53 -33.81
C ARG A 571 40.50 15.37 -32.70
N LEU A 572 41.34 14.72 -31.85
CA LEU A 572 42.19 15.28 -30.80
C LEU A 572 43.68 15.38 -31.16
N SER A 573 44.31 16.53 -30.89
CA SER A 573 45.61 16.94 -31.39
C SER A 573 46.54 17.32 -30.21
N PRO A 574 47.81 17.70 -30.44
CA PRO A 574 49.03 16.92 -30.10
C PRO A 574 49.08 15.58 -29.32
N PHE A 575 48.79 14.44 -29.95
CA PHE A 575 49.01 13.12 -29.32
C PHE A 575 50.42 12.55 -29.59
N THR A 576 51.09 12.09 -28.53
CA THR A 576 52.42 11.50 -28.57
C THR A 576 52.35 10.21 -27.75
N ASN A 577 52.86 9.11 -28.29
CA ASN A 577 52.96 7.91 -27.49
C ASN A 577 54.10 8.06 -26.49
N ALA A 578 53.87 7.39 -25.36
CA ALA A 578 54.78 7.15 -24.27
C ALA A 578 54.86 5.63 -24.07
N SER A 579 56.02 5.14 -23.63
CA SER A 579 56.31 3.72 -23.47
C SER A 579 56.85 3.50 -22.07
N SER A 580 56.53 2.33 -21.52
CA SER A 580 57.13 1.77 -20.33
C SER A 580 58.14 0.70 -20.78
N PRO A 581 59.44 0.74 -20.37
CA PRO A 581 60.30 -0.44 -20.31
C PRO A 581 59.66 -1.81 -20.05
N ASN A 582 58.83 -1.89 -18.99
CA ASN A 582 58.07 -3.09 -18.67
C ASN A 582 57.08 -3.40 -19.80
N TRP A 583 56.21 -2.43 -20.10
CA TRP A 583 54.89 -2.77 -20.57
C TRP A 583 54.71 -2.44 -22.04
N GLY A 584 55.69 -1.73 -22.62
CA GLY A 584 55.59 -1.23 -24.00
C GLY A 584 54.79 0.08 -24.13
N ALA A 585 54.41 0.36 -25.37
CA ALA A 585 53.67 1.56 -25.70
C ALA A 585 52.19 1.20 -25.59
N ILE A 586 51.34 2.23 -25.59
CA ILE A 586 49.91 2.11 -25.71
C ILE A 586 49.60 1.54 -27.10
N THR A 587 48.64 0.62 -27.12
CA THR A 587 48.19 -0.10 -28.32
C THR A 587 46.69 0.09 -28.52
N SER A 588 45.97 0.44 -27.45
CA SER A 588 44.52 0.40 -27.49
C SER A 588 43.94 1.40 -26.46
N ALA A 589 42.68 1.81 -26.65
CA ALA A 589 42.01 2.67 -25.70
C ALA A 589 40.60 2.20 -25.45
N ARG A 590 40.18 2.37 -24.19
CA ARG A 590 38.80 2.24 -23.74
C ARG A 590 38.20 3.64 -23.56
N ILE A 591 37.15 3.90 -24.35
CA ILE A 591 36.48 5.19 -24.44
C ILE A 591 35.11 5.10 -23.78
N GLU A 592 34.93 5.83 -22.66
CA GLU A 592 33.69 5.83 -21.88
C GLU A 592 33.02 7.19 -22.09
N TYR A 593 31.82 7.20 -22.69
CA TYR A 593 31.03 8.42 -22.95
C TYR A 593 29.72 8.41 -22.15
N THR A 594 29.33 9.56 -21.64
CA THR A 594 28.10 9.83 -20.92
C THR A 594 27.59 11.17 -21.49
N TYR A 595 26.39 11.17 -22.06
CA TYR A 595 25.84 12.43 -22.54
C TYR A 595 24.45 12.73 -21.99
N GLN A 596 24.14 14.02 -22.01
CA GLN A 596 22.79 14.52 -21.83
C GLN A 596 22.35 15.34 -23.05
N GLY A 597 21.11 15.09 -23.47
CA GLY A 597 20.61 15.83 -24.62
C GLY A 597 19.28 16.54 -24.32
N THR A 598 19.09 17.68 -24.99
CA THR A 598 17.84 18.43 -25.11
C THR A 598 16.88 17.66 -25.99
N LEU A 599 15.66 17.57 -25.48
CA LEU A 599 14.60 16.85 -26.14
C LEU A 599 13.57 17.80 -26.73
N ILE A 600 13.53 19.05 -26.28
CA ILE A 600 12.55 19.94 -26.87
C ILE A 600 12.81 20.05 -28.36
N ALA A 601 11.70 20.03 -29.08
CA ALA A 601 11.69 20.21 -30.51
C ALA A 601 10.37 20.88 -30.86
N SER A 602 10.40 22.21 -30.68
CA SER A 602 9.19 23.00 -30.52
C SER A 602 8.47 23.31 -31.84
N HIS A 603 9.00 22.88 -33.00
CA HIS A 603 8.31 22.96 -34.28
C HIS A 603 7.54 21.67 -34.62
N THR A 604 7.52 20.72 -33.70
CA THR A 604 6.77 19.50 -33.90
C THR A 604 5.91 19.27 -32.67
N SER A 605 5.23 18.12 -32.68
CA SER A 605 4.33 17.52 -31.72
C SER A 605 5.13 16.66 -30.77
N THR A 606 6.32 16.33 -31.22
CA THR A 606 7.11 15.35 -30.49
C THR A 606 8.40 16.00 -30.02
N TYR A 607 9.41 15.15 -29.78
CA TYR A 607 10.70 15.49 -29.24
C TYR A 607 11.81 15.42 -30.29
N SER A 608 13.03 15.74 -29.82
CA SER A 608 14.18 15.81 -30.67
C SER A 608 14.66 14.38 -30.83
N THR A 609 15.42 14.19 -31.89
CA THR A 609 16.04 12.90 -32.11
C THR A 609 17.28 12.64 -31.21
N ALA A 610 17.53 13.37 -30.09
CA ALA A 610 18.80 13.26 -29.33
C ALA A 610 19.24 11.83 -28.86
N ASN A 611 18.24 10.98 -28.56
CA ASN A 611 18.35 9.60 -28.17
C ASN A 611 19.11 8.79 -29.20
N LEU A 612 18.99 9.18 -30.47
CA LEU A 612 19.39 8.37 -31.59
C LEU A 612 20.76 8.78 -32.12
N LEU A 613 21.36 9.80 -31.49
CA LEU A 613 22.70 10.17 -31.91
C LEU A 613 23.68 9.07 -31.49
N THR A 614 24.48 8.66 -32.47
CA THR A 614 25.21 7.42 -32.37
C THR A 614 26.69 7.73 -32.31
N ILE A 615 27.39 6.91 -31.53
CA ILE A 615 28.78 7.12 -31.19
C ILE A 615 29.55 5.86 -31.55
N THR A 616 30.45 5.99 -32.51
CA THR A 616 31.14 4.79 -32.97
C THR A 616 32.68 4.97 -32.91
C1 PEG B . -20.74 14.39 -4.39
O1 PEG B . -20.42 13.86 -3.05
C2 PEG B . -21.20 13.34 -5.44
O2 PEG B . -20.94 13.71 -6.81
C3 PEG B . -21.08 12.69 -7.82
C4 PEG B . -21.42 13.26 -9.24
O4 PEG B . -21.19 12.34 -10.38
C1 PEG C . 58.80 -3.16 -24.50
O1 PEG C . 58.06 -3.28 -25.78
C2 PEG C . 58.41 -4.24 -23.47
O2 PEG C . 57.13 -4.84 -23.74
C3 PEG C . 56.88 -6.03 -22.99
C4 PEG C . 55.41 -6.19 -22.78
O4 PEG C . 54.74 -6.16 -24.02
#